data_4DA7
#
_entry.id   4DA7
#
_cell.length_a   135.050
_cell.length_b   135.050
_cell.length_c   57.875
_cell.angle_alpha   90.000
_cell.angle_beta   90.000
_cell.angle_gamma   120.000
#
_symmetry.space_group_name_H-M   'P 63 2 2'
#
loop_
_entity.id
_entity.type
_entity.pdbx_description
1 polymer 'Purine nucleoside phosphorylase deoD-type'
2 non-polymer 9-HYROXYETHOXYMETHYLGUANINE
3 non-polymer 'PHOSPHATE ION'
4 water water
#
_entity_poly.entity_id   1
_entity_poly.type   'polypeptide(L)'
_entity_poly.pdbx_seq_one_letter_code
;MGSSHHHHHHSSGLVPRGSHMSVHIGAEKGQIADTVLLPGDPLRAKFIAETYLENVECYNEVRGMYGFTGTYKGKKISVQ
GTGMGVPSISIYVNELIQSYDVQNLIRVGSCGAIRKDVKVRDVILAMTSSTDSQMNRVAFGSVDFAPCADFELLKNAYDA
AKDKGVPVTVGSVFTADQFYNDDSQIEKLAKYGVLGVEMETTALYTLAAKHGRKALSILTVSDHVLTGEETTAEERQTTF
HDMIDVALHSVSQ
;
_entity_poly.pdbx_strand_id   A
#
# COMPACT_ATOMS: atom_id res chain seq x y z
N SER A 22 -14.85 14.06 -9.40
CA SER A 22 -15.10 12.85 -8.56
C SER A 22 -15.65 13.26 -7.18
N VAL A 23 -16.53 12.45 -6.62
CA VAL A 23 -17.19 12.75 -5.35
C VAL A 23 -16.25 13.09 -4.17
N HIS A 24 -15.10 12.41 -4.04
CA HIS A 24 -14.30 12.55 -2.83
C HIS A 24 -12.93 13.22 -3.08
N ILE A 25 -12.64 13.58 -4.31
CA ILE A 25 -11.35 14.18 -4.65
C ILE A 25 -11.60 15.47 -5.41
N GLY A 26 -11.19 16.62 -4.83
CA GLY A 26 -11.39 17.91 -5.50
C GLY A 26 -10.41 18.35 -6.58
N ALA A 27 -9.82 17.42 -7.33
CA ALA A 27 -8.82 17.80 -8.34
C ALA A 27 -9.42 18.12 -9.72
N GLU A 28 -8.67 18.89 -10.50
CA GLU A 28 -9.06 19.19 -11.89
C GLU A 28 -8.30 18.26 -12.81
N LYS A 29 -8.83 18.01 -14.00
CA LYS A 29 -8.19 17.08 -14.91
C LYS A 29 -6.70 17.44 -15.11
N GLY A 30 -5.85 16.42 -15.29
CA GLY A 30 -4.41 16.64 -15.36
C GLY A 30 -3.68 16.93 -14.03
N GLN A 31 -4.38 17.20 -12.95
CA GLN A 31 -3.69 17.54 -11.69
C GLN A 31 -3.03 16.32 -10.99
N ILE A 32 -3.54 15.12 -11.30
CA ILE A 32 -3.05 13.87 -10.71
C ILE A 32 -2.17 13.16 -11.71
N ALA A 33 -1.01 12.69 -11.26
CA ALA A 33 -0.07 11.97 -12.14
C ALA A 33 -0.54 10.55 -12.56
N ASP A 34 0.12 9.98 -13.57
CA ASP A 34 -0.06 8.58 -13.98
C ASP A 34 0.18 7.60 -12.80
N THR A 35 1.15 7.96 -11.94
CA THR A 35 1.61 7.15 -10.82
C THR A 35 1.23 7.82 -9.51
N VAL A 36 0.48 7.10 -8.65
CA VAL A 36 0.07 7.62 -7.36
C VAL A 36 0.60 6.71 -6.25
N LEU A 37 1.25 7.30 -5.25
CA LEU A 37 1.60 6.58 -4.02
C LEU A 37 0.44 6.68 -3.05
N LEU A 38 0.17 5.59 -2.35
CA LEU A 38 -1.02 5.54 -1.49
C LEU A 38 -0.74 5.18 -0.03
N PRO A 39 -0.28 6.15 0.76
CA PRO A 39 -0.24 5.94 2.20
C PRO A 39 -1.64 5.94 2.81
N GLY A 40 -1.81 5.27 3.93
CA GLY A 40 -3.11 5.31 4.62
C GLY A 40 -3.39 6.67 5.28
N ASP A 41 -2.33 7.28 5.80
CA ASP A 41 -2.43 8.49 6.64
C ASP A 41 -2.18 9.70 5.73
N PRO A 42 -3.18 10.60 5.63
CA PRO A 42 -3.04 11.78 4.77
C PRO A 42 -1.95 12.76 5.29
N LEU A 43 -1.66 12.75 6.58
CA LEU A 43 -0.50 13.53 7.08
C LEU A 43 0.82 12.91 6.60
N ARG A 44 0.84 11.59 6.38
CA ARG A 44 2.02 10.99 5.77
C ARG A 44 2.11 11.28 4.28
N ALA A 45 0.95 11.44 3.60
CA ALA A 45 0.97 11.86 2.19
C ALA A 45 1.65 13.23 2.06
N LYS A 46 1.28 14.15 2.96
CA LYS A 46 1.86 15.50 3.02
C LYS A 46 3.36 15.39 3.29
N PHE A 47 3.73 14.62 4.33
CA PHE A 47 5.13 14.42 4.62
C PHE A 47 5.92 13.87 3.42
N ILE A 48 5.40 12.85 2.72
CA ILE A 48 6.10 12.27 1.58
C ILE A 48 6.33 13.30 0.45
N ALA A 49 5.27 14.01 0.10
CA ALA A 49 5.32 14.99 -0.99
C ALA A 49 6.36 16.09 -0.70
N GLU A 50 6.26 16.69 0.48
CA GLU A 50 7.13 17.80 0.88
C GLU A 50 8.59 17.39 1.02
N THR A 51 8.83 16.17 1.52
CA THR A 51 10.19 15.66 1.75
C THR A 51 10.83 15.15 0.46
N TYR A 52 10.05 14.58 -0.46
CA TYR A 52 10.66 13.83 -1.58
C TYR A 52 10.51 14.46 -2.97
N LEU A 53 9.54 15.35 -3.12
CA LEU A 53 9.19 15.84 -4.45
C LEU A 53 9.46 17.33 -4.55
N GLU A 54 9.61 17.80 -5.78
CA GLU A 54 9.72 19.23 -6.08
C GLU A 54 8.42 19.77 -6.68
N ASN A 55 8.21 21.08 -6.53
CA ASN A 55 7.12 21.79 -7.18
C ASN A 55 5.75 21.17 -6.85
N VAL A 56 5.51 21.04 -5.55
CA VAL A 56 4.37 20.36 -4.97
C VAL A 56 3.16 21.25 -4.95
N GLU A 57 2.01 20.69 -5.34
CA GLU A 57 0.72 21.34 -5.15
C GLU A 57 -0.22 20.34 -4.52
N CYS A 58 -1.06 20.83 -3.61
CA CYS A 58 -2.12 20.05 -3.02
C CYS A 58 -3.33 20.18 -3.93
N TYR A 59 -3.78 19.07 -4.50
CA TYR A 59 -4.93 19.09 -5.39
C TYR A 59 -6.23 18.66 -4.67
N ASN A 60 -6.10 18.22 -3.41
CA ASN A 60 -7.27 17.76 -2.67
C ASN A 60 -7.25 17.99 -1.19
N GLU A 61 -8.34 18.57 -0.69
CA GLU A 61 -8.51 18.82 0.74
C GLU A 61 -9.84 18.27 1.25
N VAL A 62 -10.69 17.75 0.35
CA VAL A 62 -11.95 17.15 0.75
C VAL A 62 -11.75 16.10 1.86
N ARG A 63 -12.48 16.27 2.96
CA ARG A 63 -12.41 15.40 4.11
C ARG A 63 -11.06 15.39 4.81
N GLY A 64 -10.19 16.31 4.40
CA GLY A 64 -8.82 16.38 4.90
C GLY A 64 -7.98 15.19 4.48
N MET A 65 -8.46 14.44 3.47
CA MET A 65 -7.72 13.30 2.93
C MET A 65 -6.77 13.78 1.84
N TYR A 66 -5.70 14.46 2.26
CA TYR A 66 -4.87 15.20 1.29
C TYR A 66 -4.30 14.39 0.17
N GLY A 67 -4.26 15.01 -0.99
CA GLY A 67 -3.50 14.53 -2.13
C GLY A 67 -2.64 15.63 -2.69
N PHE A 68 -1.46 15.26 -3.24
CA PHE A 68 -0.46 16.21 -3.72
C PHE A 68 0.16 15.67 -4.98
N THR A 69 0.70 16.56 -5.78
CA THR A 69 1.42 16.22 -6.98
C THR A 69 2.68 17.07 -7.04
N GLY A 70 3.80 16.45 -7.42
CA GLY A 70 5.08 17.11 -7.53
C GLY A 70 5.91 16.28 -8.48
N THR A 71 7.20 16.59 -8.58
CA THR A 71 8.07 15.80 -9.43
C THR A 71 9.19 15.12 -8.65
N TYR A 72 9.64 13.99 -9.18
CA TYR A 72 10.80 13.30 -8.68
C TYR A 72 11.63 12.99 -9.92
N LYS A 73 12.87 13.49 -9.91
CA LYS A 73 13.78 13.50 -11.05
C LYS A 73 13.13 13.99 -12.37
N GLY A 74 12.29 15.02 -12.28
CA GLY A 74 11.64 15.61 -13.45
C GLY A 74 10.38 14.89 -13.94
N LYS A 75 9.98 13.85 -13.19
CA LYS A 75 8.81 13.06 -13.50
C LYS A 75 7.68 13.26 -12.47
N LYS A 76 6.49 13.59 -12.96
CA LYS A 76 5.30 13.82 -12.14
C LYS A 76 4.93 12.55 -11.28
N ILE A 77 4.51 12.76 -10.04
CA ILE A 77 4.19 11.65 -9.08
C ILE A 77 3.13 12.26 -8.18
N SER A 78 2.05 11.54 -7.92
CA SER A 78 1.10 12.02 -6.92
C SER A 78 1.15 11.16 -5.63
N VAL A 79 0.67 11.71 -4.54
CA VAL A 79 0.64 11.02 -3.27
C VAL A 79 -0.70 11.35 -2.64
N GLN A 80 -1.50 10.30 -2.42
CA GLN A 80 -2.90 10.44 -1.99
C GLN A 80 -3.19 9.59 -0.77
N GLY A 81 -3.66 10.20 0.32
CA GLY A 81 -4.06 9.44 1.52
C GLY A 81 -5.26 8.56 1.20
N THR A 82 -5.37 7.39 1.82
CA THR A 82 -6.47 6.49 1.48
C THR A 82 -7.45 6.33 2.61
N GLY A 83 -7.03 6.73 3.81
CA GLY A 83 -7.72 6.26 5.01
C GLY A 83 -7.48 4.77 5.27
N MET A 84 -8.12 4.24 6.32
CA MET A 84 -7.92 2.87 6.77
C MET A 84 -9.11 1.97 6.46
N GLY A 85 -8.82 0.80 5.90
CA GLY A 85 -9.82 -0.20 5.69
C GLY A 85 -10.23 -0.26 4.25
N VAL A 86 -10.63 -1.45 3.84
CA VAL A 86 -11.09 -1.75 2.48
C VAL A 86 -12.07 -0.71 1.87
N PRO A 87 -13.13 -0.35 2.63
CA PRO A 87 -14.13 0.60 2.17
C PRO A 87 -13.56 2.00 1.87
N SER A 88 -12.60 2.46 2.67
CA SER A 88 -12.03 3.81 2.47
C SER A 88 -11.09 3.82 1.28
N ILE A 89 -10.12 2.90 1.26
CA ILE A 89 -9.23 2.86 0.08
C ILE A 89 -10.02 2.61 -1.20
N SER A 90 -11.08 1.78 -1.13
CA SER A 90 -11.84 1.47 -2.34
C SER A 90 -12.42 2.73 -2.99
N ILE A 91 -12.95 3.63 -2.18
CA ILE A 91 -13.37 4.97 -2.64
C ILE A 91 -12.27 5.70 -3.41
N TYR A 92 -11.09 5.88 -2.80
CA TYR A 92 -10.00 6.62 -3.46
C TYR A 92 -9.43 5.93 -4.68
N VAL A 93 -9.25 4.62 -4.59
CA VAL A 93 -8.76 3.89 -5.76
C VAL A 93 -9.76 3.92 -6.93
N ASN A 94 -11.05 3.75 -6.64
CA ASN A 94 -12.06 3.78 -7.71
C ASN A 94 -12.05 5.16 -8.40
N GLU A 95 -12.02 6.22 -7.60
CA GLU A 95 -12.05 7.57 -8.19
C GLU A 95 -10.78 7.92 -8.97
N LEU A 96 -9.61 7.52 -8.43
CA LEU A 96 -8.32 7.77 -9.11
C LEU A 96 -8.31 7.13 -10.46
N ILE A 97 -8.79 5.88 -10.50
CA ILE A 97 -8.83 5.13 -11.75
C ILE A 97 -9.85 5.70 -12.75
N GLN A 98 -11.09 5.86 -12.27
CA GLN A 98 -12.27 6.09 -13.14
C GLN A 98 -12.31 7.54 -13.62
N SER A 99 -11.96 8.47 -12.73
CA SER A 99 -12.01 9.91 -13.03
C SER A 99 -10.67 10.52 -13.40
N TYR A 100 -9.56 9.89 -13.02
CA TYR A 100 -8.27 10.53 -13.29
C TYR A 100 -7.31 9.71 -14.12
N ASP A 101 -7.81 8.58 -14.63
CA ASP A 101 -7.06 7.69 -15.54
C ASP A 101 -5.68 7.26 -15.01
N VAL A 102 -5.54 7.23 -13.69
CA VAL A 102 -4.32 6.72 -13.04
C VAL A 102 -3.92 5.30 -13.47
N GLN A 103 -2.64 5.12 -13.80
CA GLN A 103 -2.14 3.85 -14.37
C GLN A 103 -1.42 2.97 -13.33
N ASN A 104 -0.71 3.60 -12.39
CA ASN A 104 0.10 2.83 -11.42
C ASN A 104 -0.25 3.28 -10.03
N LEU A 105 -0.66 2.34 -9.19
CA LEU A 105 -1.11 2.70 -7.86
C LEU A 105 -0.27 1.97 -6.84
N ILE A 106 0.45 2.70 -5.98
CA ILE A 106 1.36 2.00 -5.08
C ILE A 106 1.15 2.33 -3.62
N ARG A 107 0.71 1.31 -2.88
CA ARG A 107 0.41 1.54 -1.48
C ARG A 107 1.76 1.55 -0.79
N VAL A 108 1.95 2.53 0.08
CA VAL A 108 3.16 2.59 0.91
C VAL A 108 2.64 2.71 2.34
N GLY A 109 2.70 1.62 3.08
CA GLY A 109 2.06 1.65 4.38
C GLY A 109 2.82 0.79 5.33
N SER A 110 2.17 0.40 6.42
CA SER A 110 2.80 -0.49 7.35
C SER A 110 1.86 -1.65 7.64
N CYS A 111 2.39 -2.63 8.35
CA CYS A 111 1.63 -3.79 8.73
C CYS A 111 2.16 -4.34 10.07
N GLY A 112 1.38 -5.20 10.71
CA GLY A 112 1.81 -5.84 11.94
C GLY A 112 2.35 -7.18 11.49
N ALA A 113 3.63 -7.44 11.78
CA ALA A 113 4.21 -8.72 11.39
C ALA A 113 3.64 -9.82 12.24
N ILE A 114 3.37 -10.96 11.64
CA ILE A 114 2.83 -12.09 12.37
C ILE A 114 3.72 -13.33 12.39
N ARG A 115 4.94 -13.20 11.86
CA ARG A 115 5.95 -14.27 12.00
C ARG A 115 7.26 -13.72 12.56
N LYS A 116 7.92 -14.51 13.39
CA LYS A 116 9.25 -14.16 13.89
C LYS A 116 10.28 -13.94 12.73
N ASP A 117 10.16 -14.73 11.67
CA ASP A 117 11.11 -14.58 10.57
C ASP A 117 10.88 -13.30 9.73
N VAL A 118 9.83 -12.55 10.04
CA VAL A 118 9.65 -11.26 9.41
C VAL A 118 10.34 -10.25 10.31
N LYS A 119 11.43 -9.69 9.81
CA LYS A 119 12.30 -8.83 10.65
C LYS A 119 11.82 -7.40 10.61
N VAL A 120 11.99 -6.67 11.70
CA VAL A 120 11.58 -5.26 11.78
C VAL A 120 12.15 -4.34 10.71
N ARG A 121 13.28 -4.73 10.11
CA ARG A 121 13.90 -3.91 9.05
C ARG A 121 13.45 -4.29 7.66
N ASP A 122 12.72 -5.38 7.56
CA ASP A 122 12.30 -5.89 6.27
C ASP A 122 11.26 -4.97 5.62
N VAL A 123 11.47 -4.73 4.33
CA VAL A 123 10.48 -4.08 3.52
C VAL A 123 9.71 -5.19 2.81
N ILE A 124 8.38 -5.15 2.90
CA ILE A 124 7.55 -6.23 2.35
C ILE A 124 6.93 -5.79 1.04
N LEU A 125 7.05 -6.64 0.02
CA LEU A 125 6.36 -6.49 -1.26
C LEU A 125 5.30 -7.60 -1.30
N ALA A 126 4.03 -7.21 -1.33
CA ALA A 126 2.97 -8.23 -1.23
C ALA A 126 2.65 -8.81 -2.60
N MET A 127 2.82 -10.12 -2.79
N MET A 127 2.81 -10.11 -2.78
CA MET A 127 2.41 -10.74 -4.06
CA MET A 127 2.41 -10.75 -4.04
C MET A 127 0.89 -10.84 -4.15
C MET A 127 0.90 -10.83 -4.13
N THR A 128 0.27 -11.03 -2.98
CA THR A 128 -1.17 -11.27 -2.91
C THR A 128 -1.63 -10.96 -1.49
N SER A 129 -2.94 -10.99 -1.22
CA SER A 129 -3.38 -10.85 0.17
C SER A 129 -4.61 -11.70 0.40
N SER A 130 -4.70 -12.25 1.62
CA SER A 130 -5.87 -12.93 2.11
C SER A 130 -6.74 -11.83 2.74
N THR A 131 -7.99 -12.15 3.08
CA THR A 131 -8.83 -11.15 3.73
C THR A 131 -9.98 -11.77 4.50
N ASP A 132 -10.49 -11.04 5.50
CA ASP A 132 -11.83 -11.34 6.00
C ASP A 132 -12.86 -10.33 5.55
N SER A 133 -12.51 -9.46 4.60
CA SER A 133 -13.50 -8.57 3.97
C SER A 133 -14.42 -9.42 3.08
N GLN A 134 -15.70 -9.08 2.97
CA GLN A 134 -16.64 -9.82 2.11
C GLN A 134 -16.67 -9.27 0.70
N MET A 135 -15.84 -8.26 0.43
CA MET A 135 -15.91 -7.62 -0.88
C MET A 135 -15.87 -8.57 -2.06
N ASN A 136 -15.01 -9.60 -2.01
CA ASN A 136 -14.95 -10.49 -3.17
C ASN A 136 -16.01 -11.61 -3.15
N ARG A 137 -16.38 -12.09 -1.98
CA ARG A 137 -17.54 -13.01 -1.94
C ARG A 137 -18.85 -12.32 -2.47
N VAL A 138 -18.97 -11.01 -2.24
CA VAL A 138 -20.09 -10.21 -2.76
C VAL A 138 -20.11 -10.30 -4.30
N ALA A 139 -18.94 -10.20 -4.93
CA ALA A 139 -18.86 -10.31 -6.37
C ALA A 139 -18.87 -11.74 -6.87
N PHE A 140 -18.21 -12.68 -6.15
CA PHE A 140 -17.99 -14.04 -6.70
C PHE A 140 -18.70 -15.19 -5.97
N GLY A 141 -19.25 -14.95 -4.78
CA GLY A 141 -19.96 -15.98 -4.01
C GLY A 141 -19.04 -17.14 -3.59
N SER A 142 -19.23 -18.27 -4.23
CA SER A 142 -18.49 -19.51 -3.90
CA SER A 142 -18.50 -19.51 -3.90
C SER A 142 -17.01 -19.49 -4.31
N VAL A 143 -16.60 -18.51 -5.08
CA VAL A 143 -15.18 -18.40 -5.46
C VAL A 143 -14.37 -17.63 -4.43
N ASP A 144 -13.20 -18.16 -4.09
CA ASP A 144 -12.16 -17.42 -3.36
C ASP A 144 -11.32 -16.70 -4.42
N PHE A 145 -11.45 -15.39 -4.49
CA PHE A 145 -10.67 -14.60 -5.45
C PHE A 145 -9.34 -14.26 -4.81
N ALA A 146 -8.24 -14.68 -5.44
CA ALA A 146 -6.92 -14.30 -4.95
C ALA A 146 -6.48 -13.04 -5.70
N PRO A 147 -6.40 -11.90 -5.00
CA PRO A 147 -5.89 -10.69 -5.67
C PRO A 147 -4.42 -10.86 -6.08
N CYS A 148 -3.93 -10.07 -7.04
CA CYS A 148 -2.53 -10.32 -7.53
C CYS A 148 -1.83 -8.97 -7.81
N ALA A 149 -0.66 -8.77 -7.22
CA ALA A 149 0.16 -7.58 -7.55
C ALA A 149 0.50 -7.56 -9.03
N ASP A 150 0.72 -6.39 -9.60
CA ASP A 150 1.24 -6.35 -10.97
C ASP A 150 2.73 -6.76 -10.88
N PHE A 151 3.12 -7.80 -11.61
CA PHE A 151 4.43 -8.35 -11.46
C PHE A 151 5.54 -7.35 -11.88
N GLU A 152 5.28 -6.58 -12.91
CA GLU A 152 6.27 -5.61 -13.40
C GLU A 152 6.60 -4.59 -12.31
N LEU A 153 5.60 -4.01 -11.66
CA LEU A 153 5.86 -3.10 -10.55
C LEU A 153 6.63 -3.80 -9.43
N LEU A 154 6.18 -5.00 -9.07
CA LEU A 154 6.77 -5.77 -7.97
C LEU A 154 8.24 -6.07 -8.26
N LYS A 155 8.52 -6.55 -9.47
CA LYS A 155 9.90 -6.92 -9.83
C LYS A 155 10.81 -5.67 -9.85
N ASN A 156 10.27 -4.55 -10.36
CA ASN A 156 11.03 -3.29 -10.33
C ASN A 156 11.36 -2.86 -8.92
N ALA A 157 10.39 -3.02 -8.02
CA ALA A 157 10.58 -2.62 -6.65
C ALA A 157 11.61 -3.55 -5.97
N TYR A 158 11.51 -4.82 -6.31
CA TYR A 158 12.38 -5.86 -5.81
C TYR A 158 13.83 -5.55 -6.27
N ASP A 159 14.01 -5.24 -7.56
CA ASP A 159 15.36 -4.92 -8.13
C ASP A 159 15.93 -3.68 -7.47
N ALA A 160 15.09 -2.66 -7.30
CA ALA A 160 15.55 -1.42 -6.67
C ALA A 160 16.01 -1.63 -5.22
N ALA A 161 15.28 -2.46 -4.45
CA ALA A 161 15.72 -2.83 -3.10
C ALA A 161 17.05 -3.55 -3.13
N LYS A 162 17.14 -4.59 -3.95
CA LYS A 162 18.35 -5.42 -4.07
C LYS A 162 19.59 -4.62 -4.47
N ASP A 163 19.42 -3.72 -5.44
CA ASP A 163 20.50 -2.85 -5.90
CA ASP A 163 20.49 -2.83 -5.91
C ASP A 163 21.18 -2.07 -4.78
N LYS A 164 20.39 -1.55 -3.84
CA LYS A 164 20.87 -0.72 -2.76
C LYS A 164 21.14 -1.52 -1.45
N GLY A 165 20.76 -2.79 -1.41
CA GLY A 165 20.93 -3.64 -0.23
C GLY A 165 19.82 -3.49 0.83
N VAL A 166 18.70 -2.85 0.46
CA VAL A 166 17.52 -2.77 1.38
C VAL A 166 17.00 -4.19 1.59
N PRO A 167 16.86 -4.60 2.86
CA PRO A 167 16.34 -5.95 3.10
C PRO A 167 14.86 -6.01 2.66
N VAL A 168 14.52 -7.03 1.89
CA VAL A 168 13.22 -7.10 1.24
C VAL A 168 12.71 -8.54 1.33
N THR A 169 11.40 -8.72 1.56
CA THR A 169 10.78 -10.05 1.59
C THR A 169 9.50 -10.00 0.76
N VAL A 170 9.36 -11.00 -0.10
CA VAL A 170 8.25 -11.08 -1.01
C VAL A 170 7.33 -12.25 -0.57
N GLY A 171 6.05 -11.96 -0.33
CA GLY A 171 5.09 -12.98 0.09
C GLY A 171 3.73 -12.33 0.23
N SER A 172 2.86 -12.89 1.07
CA SER A 172 1.51 -12.40 1.12
C SER A 172 1.22 -11.77 2.45
N VAL A 173 0.13 -10.99 2.47
CA VAL A 173 -0.31 -10.33 3.70
C VAL A 173 -1.77 -10.70 3.91
N PHE A 174 -2.33 -10.21 5.01
CA PHE A 174 -3.72 -10.40 5.35
C PHE A 174 -4.39 -9.03 5.45
N THR A 175 -5.46 -8.81 4.69
CA THR A 175 -6.17 -7.55 4.73
C THR A 175 -7.33 -7.70 5.71
N ALA A 176 -7.23 -7.00 6.83
CA ALA A 176 -8.19 -7.19 7.90
C ALA A 176 -9.24 -6.07 7.93
N ASP A 177 -10.50 -6.41 8.22
CA ASP A 177 -11.56 -5.44 8.50
C ASP A 177 -11.52 -4.94 9.92
N GLN A 178 -11.07 -5.77 10.87
CA GLN A 178 -11.10 -5.39 12.27
C GLN A 178 -9.71 -5.28 12.91
N PHE A 179 -9.26 -4.05 13.17
CA PHE A 179 -7.99 -3.85 13.87
C PHE A 179 -8.02 -4.53 15.26
N TYR A 180 -9.16 -4.46 15.94
CA TYR A 180 -9.39 -5.17 17.17
C TYR A 180 -10.35 -6.33 16.85
N ASN A 181 -9.79 -7.51 16.61
CA ASN A 181 -10.62 -8.65 16.20
C ASN A 181 -10.59 -9.73 17.28
N ASP A 182 -11.69 -9.91 18.01
CA ASP A 182 -11.81 -11.04 18.96
C ASP A 182 -11.74 -12.42 18.32
N ASP A 183 -11.99 -12.52 17.01
CA ASP A 183 -11.94 -13.82 16.31
C ASP A 183 -10.78 -13.89 15.32
N SER A 184 -9.67 -13.23 15.65
CA SER A 184 -8.52 -13.15 14.74
C SER A 184 -7.94 -14.56 14.46
N GLN A 185 -7.58 -14.83 13.21
CA GLN A 185 -7.00 -16.11 12.80
C GLN A 185 -5.54 -15.90 12.41
N ILE A 186 -4.94 -14.81 12.87
CA ILE A 186 -3.55 -14.55 12.44
C ILE A 186 -2.60 -15.70 12.82
N GLU A 187 -2.84 -16.39 13.94
CA GLU A 187 -2.01 -17.52 14.32
CA GLU A 187 -2.00 -17.53 14.32
C GLU A 187 -1.98 -18.58 13.22
N LYS A 188 -3.17 -18.96 12.74
CA LYS A 188 -3.24 -19.91 11.64
C LYS A 188 -2.69 -19.33 10.33
N LEU A 189 -3.00 -18.05 10.05
CA LEU A 189 -2.46 -17.37 8.85
C LEU A 189 -0.92 -17.40 8.81
N ALA A 190 -0.30 -17.17 9.96
CA ALA A 190 1.18 -17.19 10.09
C ALA A 190 1.75 -18.58 9.73
N LYS A 191 1.04 -19.64 10.15
CA LYS A 191 1.49 -21.01 9.91
C LYS A 191 1.37 -21.36 8.44
N TYR A 192 0.43 -20.70 7.75
CA TYR A 192 0.33 -20.82 6.29
C TYR A 192 1.30 -19.90 5.50
N GLY A 193 2.21 -19.20 6.19
CA GLY A 193 3.26 -18.42 5.55
C GLY A 193 2.96 -16.94 5.39
N VAL A 194 1.74 -16.54 5.74
CA VAL A 194 1.35 -15.13 5.61
C VAL A 194 2.27 -14.23 6.45
N LEU A 195 2.69 -13.08 5.90
CA LEU A 195 3.74 -12.26 6.61
C LEU A 195 3.26 -11.30 7.66
N GLY A 196 2.11 -10.67 7.42
CA GLY A 196 1.68 -9.61 8.30
C GLY A 196 0.27 -9.15 7.97
N VAL A 197 -0.26 -8.27 8.80
CA VAL A 197 -1.64 -7.84 8.68
C VAL A 197 -1.74 -6.31 8.52
N GLU A 198 -2.49 -5.89 7.49
CA GLU A 198 -2.81 -4.48 7.28
C GLU A 198 -4.27 -4.41 6.83
N MET A 199 -4.70 -3.29 6.25
CA MET A 199 -6.11 -3.04 6.07
C MET A 199 -6.54 -2.51 4.69
N GLU A 200 -5.76 -2.79 3.64
CA GLU A 200 -5.95 -2.12 2.37
C GLU A 200 -5.68 -2.96 1.15
N THR A 201 -4.72 -3.86 1.24
CA THR A 201 -4.18 -4.45 0.01
C THR A 201 -5.17 -5.21 -0.87
N THR A 202 -5.99 -6.05 -0.25
CA THR A 202 -7.01 -6.76 -1.05
C THR A 202 -7.79 -5.82 -1.96
N ALA A 203 -8.22 -4.69 -1.42
CA ALA A 203 -9.03 -3.75 -2.20
C ALA A 203 -8.22 -3.12 -3.31
N LEU A 204 -7.01 -2.66 -2.98
CA LEU A 204 -6.16 -2.07 -4.00
C LEU A 204 -5.95 -3.08 -5.11
N TYR A 205 -5.55 -4.31 -4.78
CA TYR A 205 -5.13 -5.20 -5.86
C TYR A 205 -6.32 -5.60 -6.70
N THR A 206 -7.46 -5.84 -6.05
CA THR A 206 -8.64 -6.27 -6.80
C THR A 206 -9.15 -5.19 -7.78
N LEU A 207 -9.29 -3.99 -7.26
CA LEU A 207 -9.85 -2.86 -8.03
C LEU A 207 -8.97 -2.41 -9.14
N ALA A 208 -7.64 -2.36 -8.90
CA ALA A 208 -6.70 -2.09 -10.03
C ALA A 208 -6.82 -3.15 -11.12
N ALA A 209 -6.76 -4.43 -10.72
CA ALA A 209 -6.88 -5.50 -11.76
C ALA A 209 -8.18 -5.49 -12.57
N LYS A 210 -9.29 -5.26 -11.88
CA LYS A 210 -10.62 -5.18 -12.49
C LYS A 210 -10.66 -4.09 -13.60
N HIS A 211 -9.83 -3.06 -13.46
CA HIS A 211 -9.79 -1.98 -14.44
C HIS A 211 -8.54 -1.93 -15.32
N GLY A 212 -7.78 -3.02 -15.37
CA GLY A 212 -6.58 -3.09 -16.20
C GLY A 212 -5.48 -2.09 -15.78
N ARG A 213 -5.42 -1.71 -14.50
CA ARG A 213 -4.29 -0.87 -14.03
C ARG A 213 -3.31 -1.69 -13.18
N LYS A 214 -2.16 -1.10 -12.87
CA LYS A 214 -1.08 -1.80 -12.15
C LYS A 214 -0.98 -1.36 -10.71
N ALA A 215 -0.86 -2.33 -9.80
CA ALA A 215 -0.85 -2.03 -8.39
C ALA A 215 0.19 -2.86 -7.66
N LEU A 216 0.69 -2.32 -6.54
CA LEU A 216 1.68 -2.96 -5.67
C LEU A 216 1.53 -2.37 -4.30
N SER A 217 1.73 -3.18 -3.25
CA SER A 217 1.76 -2.66 -1.88
C SER A 217 3.14 -2.93 -1.36
N ILE A 218 3.75 -1.88 -0.84
CA ILE A 218 5.05 -1.98 -0.15
C ILE A 218 4.79 -1.63 1.30
N LEU A 219 5.21 -2.49 2.22
CA LEU A 219 4.86 -2.33 3.59
C LEU A 219 6.07 -2.40 4.51
N THR A 220 6.07 -1.55 5.53
CA THR A 220 7.04 -1.68 6.62
C THR A 220 6.37 -2.42 7.76
N VAL A 221 7.16 -2.79 8.77
CA VAL A 221 6.71 -3.54 9.92
C VAL A 221 6.63 -2.59 11.12
N SER A 222 5.44 -2.40 11.68
CA SER A 222 5.32 -1.49 12.81
C SER A 222 5.43 -2.21 14.16
N ASP A 223 5.25 -3.53 14.16
CA ASP A 223 5.35 -4.32 15.37
C ASP A 223 5.22 -5.77 15.05
N HIS A 224 5.40 -6.63 16.05
CA HIS A 224 5.00 -8.02 15.97
C HIS A 224 3.79 -8.16 16.85
N VAL A 225 2.66 -8.53 16.24
CA VAL A 225 1.37 -8.50 16.89
C VAL A 225 1.26 -9.63 17.90
N LEU A 226 1.93 -10.75 17.65
CA LEU A 226 1.82 -11.90 18.53
C LEU A 226 2.72 -11.82 19.76
N THR A 227 3.86 -11.13 19.64
CA THR A 227 4.78 -10.88 20.76
C THR A 227 4.51 -9.52 21.43
N GLY A 228 3.65 -8.70 20.81
CA GLY A 228 3.43 -7.31 21.27
C GLY A 228 4.63 -6.38 21.18
N GLU A 229 5.76 -6.88 20.68
CA GLU A 229 7.00 -6.10 20.61
C GLU A 229 6.91 -4.96 19.55
N GLU A 230 7.15 -3.74 20.02
CA GLU A 230 7.09 -2.54 19.18
C GLU A 230 8.41 -2.27 18.44
N THR A 231 8.32 -1.76 17.22
CA THR A 231 9.50 -1.30 16.52
C THR A 231 9.76 0.13 16.98
N THR A 232 11.03 0.47 17.22
CA THR A 232 11.38 1.81 17.74
C THR A 232 11.14 2.94 16.71
N ALA A 233 11.09 4.18 17.21
CA ALA A 233 10.93 5.35 16.34
C ALA A 233 12.02 5.44 15.25
N GLU A 234 13.26 5.16 15.63
CA GLU A 234 14.40 5.20 14.68
C GLU A 234 14.24 4.12 13.62
N GLU A 235 13.91 2.91 14.09
CA GLU A 235 13.62 1.78 13.21
C GLU A 235 12.52 2.17 12.19
N ARG A 236 11.45 2.81 12.66
CA ARG A 236 10.33 3.16 11.79
C ARG A 236 10.69 4.23 10.76
N GLN A 237 11.47 5.22 11.20
CA GLN A 237 11.89 6.29 10.31
C GLN A 237 12.77 5.73 9.18
N THR A 238 13.70 4.84 9.53
CA THR A 238 14.59 4.19 8.57
C THR A 238 13.82 3.35 7.52
N THR A 239 13.00 2.41 7.98
CA THR A 239 12.25 1.55 7.05
C THR A 239 11.30 2.37 6.18
N PHE A 240 10.74 3.43 6.74
CA PHE A 240 9.85 4.28 5.97
C PHE A 240 10.57 4.94 4.80
N HIS A 241 11.83 5.36 5.06
CA HIS A 241 12.63 5.99 4.03
C HIS A 241 13.02 4.95 2.98
N ASP A 242 13.40 3.75 3.40
CA ASP A 242 13.66 2.65 2.45
C ASP A 242 12.42 2.36 1.59
N MET A 243 11.22 2.36 2.20
CA MET A 243 9.99 2.08 1.45
C MET A 243 9.78 3.15 0.37
N ILE A 244 9.90 4.40 0.76
CA ILE A 244 9.70 5.47 -0.19
C ILE A 244 10.79 5.44 -1.28
N ASP A 245 12.06 5.25 -0.92
CA ASP A 245 13.08 5.05 -1.97
C ASP A 245 12.76 3.93 -2.94
N VAL A 246 12.45 2.75 -2.42
CA VAL A 246 12.01 1.63 -3.27
C VAL A 246 10.80 2.01 -4.15
N ALA A 247 9.81 2.67 -3.56
CA ALA A 247 8.64 3.07 -4.32
C ALA A 247 9.05 3.97 -5.51
N LEU A 248 9.85 5.02 -5.25
CA LEU A 248 10.28 5.96 -6.27
C LEU A 248 11.35 5.42 -7.20
N HIS A 249 12.45 4.84 -6.66
CA HIS A 249 13.53 4.21 -7.49
C HIS A 249 12.91 3.24 -8.50
N SER A 250 11.83 2.55 -8.10
CA SER A 250 11.24 1.45 -8.89
C SER A 250 10.62 1.94 -10.16
N VAL A 251 10.32 3.23 -10.16
CA VAL A 251 9.53 3.83 -11.19
C VAL A 251 10.33 4.99 -11.87
N SER A 252 11.67 4.90 -11.76
CA SER A 252 12.59 5.82 -12.47
C SER A 252 13.57 5.07 -13.35
#